data_5KO5
#
_entry.id   5KO5
#
_cell.length_a   99.134
_cell.length_b   99.134
_cell.length_c   99.134
_cell.angle_alpha   90.000
_cell.angle_beta   90.000
_cell.angle_gamma   90.000
#
_symmetry.space_group_name_H-M   'P 21 3'
#
loop_
_entity.id
_entity.type
_entity.pdbx_description
1 polymer 'Purine nucleoside phosphorylase'
2 non-polymer 6-AMINOPYRIMIDIN-2(1H)-ONE
3 non-polymer 1,2-ETHANEDIOL
4 water water
#
_entity_poly.entity_id   1
_entity_poly.type   'polypeptide(L)'
_entity_poly.pdbx_seq_one_letter_code
;MTTPVVANYENASMAADYIKRVSNVLPDIGIICGSGLGKLIEEIEERKVIPYINIPNFPKTTVAGHVGNLVLGSVGGRKI
VAMQGRLHMYEGYSNQEIALPIRVMKLLGVRVLLITNLAGGINRKLKSGDFVLIKGHINFPGLGLNNVLVGPNQDEFGPR
FPDLSNAYDRLLQQLALKIAQENDFQDLVHEGVYAFNGGPTYESPDESNMLLKLGCDVVGMSTVPEVIIACHCGIKVLAV
SLIANNSILDAENDVSINHEKVLAVAEKRADLLQMWFKEIITRLPLD
;
_entity_poly.pdbx_strand_id   A
#
loop_
_chem_comp.id
_chem_comp.type
_chem_comp.name
_chem_comp.formula
CYT non-polymer 6-AMINOPYRIMIDIN-2(1H)-ONE 'C4 H5 N3 O'
EDO non-polymer 1,2-ETHANEDIOL 'C2 H6 O2'
#
# COMPACT_ATOMS: atom_id res chain seq x y z
N VAL A 5 21.80 2.44 5.60
CA VAL A 5 21.78 1.07 5.07
C VAL A 5 21.18 1.05 3.67
N VAL A 6 21.95 0.58 2.70
CA VAL A 6 21.45 0.45 1.33
C VAL A 6 20.51 -0.75 1.24
N ALA A 7 19.45 -0.60 0.44
CA ALA A 7 18.49 -1.69 0.22
C ALA A 7 19.03 -2.67 -0.83
N ASN A 8 20.18 -3.24 -0.52
CA ASN A 8 20.84 -4.13 -1.46
C ASN A 8 20.55 -5.60 -1.13
N TYR A 9 21.10 -6.46 -1.98
CA TYR A 9 20.87 -7.90 -1.87
C TYR A 9 21.41 -8.46 -0.56
N GLU A 10 22.64 -8.07 -0.19
CA GLU A 10 23.24 -8.58 1.03
C GLU A 10 22.45 -8.14 2.26
N ASN A 11 22.07 -6.86 2.32
CA ASN A 11 21.38 -6.36 3.51
C ASN A 11 19.97 -6.94 3.61
N ALA A 12 19.25 -7.00 2.50
CA ALA A 12 17.92 -7.61 2.55
C ALA A 12 18.01 -9.08 2.93
N SER A 13 19.07 -9.77 2.47
CA SER A 13 19.25 -11.19 2.82
CA SER A 13 19.19 -11.19 2.84
C SER A 13 19.45 -11.36 4.32
N MET A 14 20.22 -10.46 4.94
CA MET A 14 20.47 -10.57 6.37
C MET A 14 19.19 -10.40 7.16
N ALA A 15 18.33 -9.46 6.74
CA ALA A 15 17.04 -9.29 7.39
C ALA A 15 16.15 -10.52 7.17
N ALA A 16 16.12 -11.05 5.95
CA ALA A 16 15.28 -12.21 5.69
C ALA A 16 15.75 -13.43 6.46
N ASP A 17 17.07 -13.61 6.59
CA ASP A 17 17.60 -14.72 7.38
C ASP A 17 17.11 -14.67 8.82
N TYR A 18 17.16 -13.48 9.43
CA TYR A 18 16.69 -13.34 10.80
C TYR A 18 15.21 -13.68 10.89
N ILE A 19 14.40 -13.16 9.97
CA ILE A 19 12.97 -13.37 10.00
C ILE A 19 12.63 -14.85 9.82
N LYS A 20 13.30 -15.51 8.88
CA LYS A 20 13.04 -16.93 8.65
C LYS A 20 13.31 -17.76 9.90
N ARG A 21 14.39 -17.45 10.60
CA ARG A 21 14.71 -18.17 11.83
C ARG A 21 13.62 -17.98 12.88
N VAL A 22 13.26 -16.72 13.14
CA VAL A 22 12.40 -16.41 14.28
C VAL A 22 10.94 -16.77 14.02
N SER A 23 10.51 -16.78 12.76
CA SER A 23 9.08 -16.91 12.45
C SER A 23 8.67 -18.31 12.04
N ASN A 24 9.52 -19.03 11.31
CA ASN A 24 9.19 -20.34 10.75
C ASN A 24 8.02 -20.29 9.77
N VAL A 25 7.74 -19.11 9.21
CA VAL A 25 6.68 -18.91 8.23
C VAL A 25 7.31 -18.48 6.92
N LEU A 26 6.95 -19.16 5.84
CA LEU A 26 7.38 -18.79 4.49
C LEU A 26 6.21 -18.16 3.76
N PRO A 27 6.13 -16.82 3.72
CA PRO A 27 4.91 -16.18 3.20
C PRO A 27 4.90 -16.14 1.69
N ASP A 28 3.69 -16.27 1.13
CA ASP A 28 3.46 -16.11 -0.31
C ASP A 28 2.86 -14.75 -0.64
N ILE A 29 2.28 -14.08 0.35
CA ILE A 29 1.53 -12.85 0.15
C ILE A 29 2.01 -11.83 1.17
N GLY A 30 2.17 -10.59 0.74
CA GLY A 30 2.50 -9.49 1.63
C GLY A 30 1.32 -8.54 1.70
N ILE A 31 1.17 -7.88 2.85
CA ILE A 31 0.10 -6.90 3.01
C ILE A 31 0.63 -5.63 3.69
N ILE A 32 0.18 -4.49 3.20
CA ILE A 32 0.47 -3.19 3.79
C ILE A 32 -0.87 -2.47 3.88
N CYS A 33 -1.23 -2.04 5.08
CA CYS A 33 -2.59 -1.58 5.33
C CYS A 33 -2.60 -0.09 5.61
N GLY A 34 -3.65 0.59 5.15
CA GLY A 34 -3.81 1.99 5.42
C GLY A 34 -4.15 2.26 6.87
N SER A 35 -4.06 3.54 7.25
CA SER A 35 -4.31 3.92 8.62
CA SER A 35 -4.31 3.94 8.62
C SER A 35 -5.76 3.62 9.01
N GLY A 36 -5.93 2.99 10.16
CA GLY A 36 -7.23 2.54 10.59
C GLY A 36 -7.76 1.32 9.88
N LEU A 37 -6.99 0.75 8.95
CA LEU A 37 -7.41 -0.40 8.16
C LEU A 37 -6.54 -1.62 8.44
N GLY A 38 -5.97 -1.70 9.65
CA GLY A 38 -5.00 -2.72 9.95
C GLY A 38 -5.53 -3.89 10.75
N LYS A 39 -6.85 -3.99 10.96
CA LYS A 39 -7.36 -4.98 11.90
C LYS A 39 -7.17 -6.41 11.40
N LEU A 40 -7.08 -6.61 10.08
CA LEU A 40 -6.79 -7.95 9.56
C LEU A 40 -5.49 -8.49 10.13
N ILE A 41 -4.49 -7.61 10.30
CA ILE A 41 -3.23 -8.01 10.91
C ILE A 41 -3.45 -8.56 12.30
N GLU A 42 -4.40 -7.99 13.04
CA GLU A 42 -4.70 -8.49 14.37
C GLU A 42 -5.35 -9.87 14.36
N GLU A 43 -5.88 -10.30 13.20
CA GLU A 43 -6.55 -11.59 13.08
C GLU A 43 -5.71 -12.65 12.39
N ILE A 44 -4.43 -12.38 12.16
CA ILE A 44 -3.55 -13.39 11.57
C ILE A 44 -3.42 -14.58 12.53
N GLU A 45 -3.54 -15.79 11.98
CA GLU A 45 -3.50 -17.00 12.79
C GLU A 45 -2.06 -17.50 12.95
N GLU A 46 -1.83 -18.20 14.07
CA GLU A 46 -0.51 -18.74 14.40
C GLU A 46 0.57 -17.68 14.21
N ARG A 47 0.27 -16.48 14.67
CA ARG A 47 1.05 -15.35 14.21
C ARG A 47 2.34 -15.17 15.00
N LYS A 48 3.30 -14.55 14.34
CA LYS A 48 4.60 -14.22 14.93
C LYS A 48 4.83 -12.74 14.70
N VAL A 49 4.99 -11.98 15.78
CA VAL A 49 5.17 -10.54 15.75
C VAL A 49 6.65 -10.24 15.92
N ILE A 50 7.24 -9.56 14.93
CA ILE A 50 8.66 -9.25 14.97
C ILE A 50 8.86 -7.73 14.92
N PRO A 51 9.25 -7.09 16.02
CA PRO A 51 9.46 -5.63 15.98
C PRO A 51 10.53 -5.28 14.95
N TYR A 52 10.26 -4.21 14.18
CA TYR A 52 11.24 -3.73 13.21
C TYR A 52 12.60 -3.54 13.87
N ILE A 53 12.59 -3.02 15.09
CA ILE A 53 13.82 -2.69 15.80
C ILE A 53 14.69 -3.91 16.05
N ASN A 54 14.10 -5.11 16.03
CA ASN A 54 14.85 -6.35 16.21
C ASN A 54 15.43 -6.91 14.92
N ILE A 55 15.02 -6.43 13.76
CA ILE A 55 15.38 -7.04 12.48
C ILE A 55 16.63 -6.36 11.95
N PRO A 56 17.70 -7.10 11.66
CA PRO A 56 18.90 -6.47 11.09
C PRO A 56 18.57 -5.69 9.83
N ASN A 57 19.06 -4.46 9.77
CA ASN A 57 18.99 -3.55 8.63
C ASN A 57 17.62 -2.96 8.41
N PHE A 58 16.62 -3.22 9.26
CA PHE A 58 15.34 -2.56 9.07
C PHE A 58 15.47 -1.08 9.45
N PRO A 59 14.70 -0.21 8.80
CA PRO A 59 14.80 1.23 9.07
C PRO A 59 14.42 1.60 10.49
N LYS A 60 15.13 2.57 11.05
CA LYS A 60 14.81 3.11 12.35
C LYS A 60 13.56 3.98 12.25
N THR A 61 12.57 3.71 13.11
CA THR A 61 11.29 4.42 13.06
C THR A 61 10.95 5.11 14.38
N THR A 62 11.93 5.27 15.28
CA THR A 62 11.60 5.79 16.61
C THR A 62 11.33 7.29 16.60
N VAL A 63 11.86 8.04 15.63
CA VAL A 63 11.54 9.46 15.59
C VAL A 63 10.05 9.68 15.34
N ALA A 64 9.49 8.95 14.37
CA ALA A 64 8.05 9.00 14.17
C ALA A 64 7.31 8.30 15.30
N GLY A 65 7.94 7.28 15.90
CA GLY A 65 7.30 6.53 16.95
C GLY A 65 6.17 5.66 16.40
N HIS A 66 5.28 5.28 17.32
CA HIS A 66 4.14 4.41 17.02
C HIS A 66 4.58 3.01 16.61
N VAL A 67 3.63 2.16 16.24
CA VAL A 67 3.92 0.73 16.10
C VAL A 67 4.82 0.47 14.89
N GLY A 68 5.66 -0.55 15.00
CA GLY A 68 6.51 -0.97 13.91
C GLY A 68 6.88 -2.43 14.01
N ASN A 69 6.03 -3.31 13.49
CA ASN A 69 6.21 -4.75 13.59
C ASN A 69 5.97 -5.39 12.23
N LEU A 70 6.74 -6.44 11.94
CA LEU A 70 6.41 -7.38 10.88
C LEU A 70 5.63 -8.53 11.53
N VAL A 71 4.48 -8.87 10.95
CA VAL A 71 3.62 -9.92 11.49
C VAL A 71 3.47 -11.00 10.43
N LEU A 72 3.82 -12.23 10.78
CA LEU A 72 3.73 -13.37 9.88
C LEU A 72 2.77 -14.40 10.44
N GLY A 73 2.05 -15.08 9.55
CA GLY A 73 1.13 -16.12 9.97
C GLY A 73 0.25 -16.54 8.83
N SER A 74 -0.93 -17.04 9.18
CA SER A 74 -1.87 -17.58 8.19
C SER A 74 -3.15 -16.76 8.18
N VAL A 75 -3.62 -16.44 6.98
CA VAL A 75 -4.94 -15.85 6.77
C VAL A 75 -5.60 -16.62 5.64
N GLY A 76 -6.80 -17.12 5.90
CA GLY A 76 -7.56 -17.81 4.86
C GLY A 76 -6.82 -18.95 4.22
N GLY A 77 -6.02 -19.67 5.00
CA GLY A 77 -5.28 -20.80 4.49
C GLY A 77 -4.00 -20.45 3.76
N ARG A 78 -3.63 -19.18 3.69
CA ARG A 78 -2.42 -18.76 3.00
C ARG A 78 -1.45 -18.13 3.99
N LYS A 79 -0.15 -18.29 3.71
CA LYS A 79 0.88 -17.74 4.57
C LYS A 79 1.19 -16.31 4.12
N ILE A 80 1.15 -15.38 5.07
CA ILE A 80 1.28 -13.96 4.73
C ILE A 80 2.30 -13.31 5.65
N VAL A 81 2.79 -12.15 5.20
CA VAL A 81 3.62 -11.26 6.01
C VAL A 81 3.04 -9.86 5.90
N ALA A 82 2.84 -9.20 7.03
CA ALA A 82 2.22 -7.88 7.07
C ALA A 82 3.17 -6.86 7.67
N MET A 83 3.14 -5.63 7.15
CA MET A 83 3.80 -4.50 7.81
C MET A 83 2.79 -3.83 8.72
N GLN A 84 3.04 -3.89 10.03
CA GLN A 84 2.20 -3.21 11.00
C GLN A 84 2.93 -1.92 11.38
N GLY A 85 2.51 -0.81 10.79
CA GLY A 85 3.29 0.41 10.91
C GLY A 85 3.98 0.72 9.60
N ARG A 86 3.22 1.33 8.70
CA ARG A 86 3.69 1.64 7.36
C ARG A 86 4.72 2.76 7.38
N LEU A 87 5.67 2.70 6.45
CA LEU A 87 6.67 3.73 6.31
C LEU A 87 6.22 4.68 5.21
N HIS A 88 6.02 5.97 5.55
CA HIS A 88 5.57 6.97 4.60
C HIS A 88 6.69 7.95 4.28
N MET A 89 6.78 8.33 3.00
CA MET A 89 7.91 9.17 2.59
C MET A 89 7.81 10.58 3.14
N TYR A 90 6.61 11.06 3.46
CA TYR A 90 6.52 12.39 4.08
C TYR A 90 7.15 12.44 5.46
N GLU A 91 7.44 11.28 6.07
CA GLU A 91 8.16 11.29 7.35
C GLU A 91 9.64 11.57 7.18
N GLY A 92 10.15 11.52 5.96
CA GLY A 92 11.56 11.73 5.68
C GLY A 92 12.35 10.46 5.46
N TYR A 93 11.70 9.29 5.44
CA TYR A 93 12.43 8.07 5.15
C TYR A 93 13.04 8.12 3.76
N SER A 94 14.24 7.55 3.63
CA SER A 94 14.94 7.57 2.36
C SER A 94 14.40 6.48 1.45
N ASN A 95 14.78 6.59 0.17
CA ASN A 95 14.48 5.55 -0.81
C ASN A 95 14.94 4.18 -0.33
N GLN A 96 16.11 4.14 0.30
CA GLN A 96 16.63 2.86 0.78
C GLN A 96 15.77 2.28 1.88
N GLU A 97 15.26 3.14 2.78
CA GLU A 97 14.46 2.67 3.90
C GLU A 97 13.10 2.17 3.45
N ILE A 98 12.52 2.80 2.43
CA ILE A 98 11.25 2.31 1.89
C ILE A 98 11.46 0.98 1.19
N ALA A 99 12.55 0.85 0.42
CA ALA A 99 12.70 -0.31 -0.45
C ALA A 99 13.07 -1.56 0.32
N LEU A 100 13.84 -1.44 1.40
CA LEU A 100 14.36 -2.64 2.04
C LEU A 100 13.26 -3.60 2.50
N PRO A 101 12.22 -3.15 3.21
CA PRO A 101 11.19 -4.13 3.64
C PRO A 101 10.52 -4.86 2.50
N ILE A 102 10.26 -4.18 1.38
CA ILE A 102 9.64 -4.85 0.23
C ILE A 102 10.58 -5.89 -0.38
N ARG A 103 11.86 -5.53 -0.48
CA ARG A 103 12.83 -6.48 -0.98
C ARG A 103 13.02 -7.66 -0.03
N VAL A 104 12.89 -7.43 1.28
CA VAL A 104 12.88 -8.53 2.23
C VAL A 104 11.68 -9.43 1.96
N MET A 105 10.50 -8.85 1.75
CA MET A 105 9.34 -9.66 1.35
C MET A 105 9.67 -10.53 0.15
N LYS A 106 10.34 -9.97 -0.86
CA LYS A 106 10.68 -10.74 -2.04
C LYS A 106 11.55 -11.94 -1.67
N LEU A 107 12.59 -11.71 -0.86
CA LEU A 107 13.47 -12.80 -0.47
C LEU A 107 12.76 -13.82 0.41
N LEU A 108 11.72 -13.40 1.14
CA LEU A 108 10.95 -14.35 1.93
C LEU A 108 10.04 -15.22 1.09
N GLY A 109 9.81 -14.85 -0.17
CA GLY A 109 8.97 -15.62 -1.07
C GLY A 109 7.69 -14.94 -1.50
N VAL A 110 7.47 -13.67 -1.13
CA VAL A 110 6.23 -12.99 -1.49
C VAL A 110 6.12 -12.85 -2.99
N ARG A 111 4.97 -13.27 -3.53
CA ARG A 111 4.67 -13.10 -4.96
C ARG A 111 3.59 -12.09 -5.23
N VAL A 112 2.74 -11.78 -4.24
CA VAL A 112 1.64 -10.83 -4.40
C VAL A 112 1.64 -9.92 -3.19
N LEU A 113 1.56 -8.61 -3.43
CA LEU A 113 1.49 -7.59 -2.39
C LEU A 113 0.12 -6.92 -2.47
N LEU A 114 -0.62 -6.94 -1.35
CA LEU A 114 -1.92 -6.30 -1.25
C LEU A 114 -1.76 -5.04 -0.42
N ILE A 115 -2.27 -3.91 -0.93
CA ILE A 115 -2.08 -2.61 -0.28
C ILE A 115 -3.43 -1.90 -0.17
N THR A 116 -3.68 -1.29 0.98
CA THR A 116 -4.81 -0.37 1.11
C THR A 116 -4.30 0.99 1.57
N ASN A 117 -5.07 2.03 1.27
CA ASN A 117 -4.74 3.37 1.70
C ASN A 117 -6.03 4.17 1.85
N LEU A 118 -5.92 5.33 2.51
CA LEU A 118 -6.98 6.32 2.56
C LEU A 118 -6.61 7.44 1.59
N ALA A 119 -7.59 7.90 0.82
CA ALA A 119 -7.28 8.86 -0.23
C ALA A 119 -8.40 9.88 -0.39
N GLY A 120 -8.07 11.01 -1.02
CA GLY A 120 -9.08 11.97 -1.43
C GLY A 120 -9.64 11.63 -2.80
N GLY A 121 -10.95 11.75 -2.94
CA GLY A 121 -11.58 11.56 -4.23
C GLY A 121 -11.54 12.83 -5.07
N ILE A 122 -11.15 12.68 -6.32
CA ILE A 122 -11.14 13.78 -7.29
C ILE A 122 -12.27 13.62 -8.31
N ASN A 123 -12.39 12.42 -8.88
CA ASN A 123 -13.47 12.11 -9.81
C ASN A 123 -14.81 12.37 -9.15
N ARG A 124 -15.73 12.96 -9.90
CA ARG A 124 -17.02 13.34 -9.34
C ARG A 124 -17.86 12.15 -8.92
N LYS A 125 -17.60 10.98 -9.48
CA LYS A 125 -18.42 9.82 -9.14
C LYS A 125 -18.12 9.28 -7.75
N LEU A 126 -17.08 9.77 -7.09
CA LEU A 126 -16.57 9.17 -5.87
C LEU A 126 -17.15 9.87 -4.63
N LYS A 127 -17.71 9.07 -3.73
CA LYS A 127 -18.26 9.52 -2.46
C LYS A 127 -17.41 8.99 -1.33
N SER A 128 -17.47 9.69 -0.19
CA SER A 128 -16.84 9.19 1.02
CA SER A 128 -16.86 9.19 1.03
C SER A 128 -17.34 7.78 1.31
N GLY A 129 -16.40 6.88 1.62
CA GLY A 129 -16.72 5.49 1.87
C GLY A 129 -16.65 4.58 0.66
N ASP A 130 -16.40 5.12 -0.53
CA ASP A 130 -16.23 4.29 -1.71
C ASP A 130 -14.84 3.68 -1.73
N PHE A 131 -14.69 2.60 -2.50
CA PHE A 131 -13.40 1.97 -2.73
C PHE A 131 -13.00 2.18 -4.18
N VAL A 132 -11.71 2.43 -4.41
CA VAL A 132 -11.17 2.55 -5.76
C VAL A 132 -10.09 1.50 -5.96
N LEU A 133 -10.31 0.59 -6.91
CA LEU A 133 -9.25 -0.31 -7.37
C LEU A 133 -8.30 0.52 -8.21
N ILE A 134 -7.05 0.62 -7.78
CA ILE A 134 -6.10 1.47 -8.49
C ILE A 134 -5.60 0.75 -9.74
N LYS A 135 -5.73 1.40 -10.89
CA LYS A 135 -5.34 0.79 -12.16
C LYS A 135 -4.14 1.47 -12.81
N GLY A 136 -3.66 2.56 -12.22
CA GLY A 136 -2.52 3.28 -12.75
C GLY A 136 -2.25 4.45 -11.83
N HIS A 137 -1.17 5.19 -12.12
CA HIS A 137 -0.84 6.29 -11.22
C HIS A 137 -0.17 7.45 -11.94
N ILE A 138 -0.18 8.60 -11.27
CA ILE A 138 0.64 9.75 -11.66
C ILE A 138 1.55 10.05 -10.48
N ASN A 139 2.84 9.82 -10.68
CA ASN A 139 3.83 9.83 -9.61
C ASN A 139 4.55 11.18 -9.64
N PHE A 140 3.97 12.18 -8.98
CA PHE A 140 4.61 13.49 -8.99
C PHE A 140 6.02 13.45 -8.41
N PRO A 141 6.29 12.76 -7.29
CA PRO A 141 7.69 12.66 -6.86
C PRO A 141 8.59 12.03 -7.91
N GLY A 142 8.11 10.99 -8.61
CA GLY A 142 8.94 10.36 -9.63
C GLY A 142 9.28 11.31 -10.77
N LEU A 143 8.27 12.03 -11.28
CA LEU A 143 8.55 13.01 -12.31
C LEU A 143 9.56 14.03 -11.81
N GLY A 144 9.47 14.38 -10.52
CA GLY A 144 10.28 15.44 -9.93
C GLY A 144 11.62 15.06 -9.33
N LEU A 145 12.20 13.92 -9.72
CA LEU A 145 13.52 13.45 -9.28
C LEU A 145 13.51 12.88 -7.86
N ASN A 146 12.32 12.56 -7.34
CA ASN A 146 12.20 11.88 -6.06
C ASN A 146 11.58 10.48 -6.19
N ASN A 147 11.72 9.84 -7.34
CA ASN A 147 11.27 8.47 -7.49
C ASN A 147 11.97 7.60 -6.44
N VAL A 148 11.22 6.62 -5.90
CA VAL A 148 11.78 5.71 -4.90
C VAL A 148 12.97 4.91 -5.43
N LEU A 149 13.14 4.80 -6.76
CA LEU A 149 14.28 4.08 -7.32
C LEU A 149 15.47 4.97 -7.66
N VAL A 150 15.41 6.29 -7.42
CA VAL A 150 16.59 7.12 -7.66
C VAL A 150 17.72 6.60 -6.78
N GLY A 151 18.90 6.44 -7.39
CA GLY A 151 20.07 5.87 -6.74
C GLY A 151 20.61 4.75 -7.60
N PRO A 152 21.68 4.10 -7.14
CA PRO A 152 22.21 2.95 -7.88
C PRO A 152 21.13 1.89 -8.01
N ASN A 153 21.10 1.22 -9.15
CA ASN A 153 20.20 0.07 -9.28
C ASN A 153 20.75 -1.15 -8.55
N GLN A 154 19.85 -1.89 -7.90
CA GLN A 154 20.20 -3.16 -7.27
C GLN A 154 19.80 -4.26 -8.25
N ASP A 155 20.79 -4.70 -9.05
CA ASP A 155 20.52 -5.56 -10.20
C ASP A 155 19.90 -6.89 -9.81
N GLU A 156 20.22 -7.40 -8.61
CA GLU A 156 19.68 -8.69 -8.21
C GLU A 156 18.17 -8.65 -8.03
N PHE A 157 17.60 -7.46 -7.84
CA PHE A 157 16.16 -7.35 -7.67
C PHE A 157 15.43 -7.04 -8.95
N GLY A 158 16.02 -6.23 -9.85
CA GLY A 158 15.30 -5.82 -11.02
C GLY A 158 16.12 -4.92 -11.91
N PRO A 159 15.50 -4.45 -12.99
CA PRO A 159 16.24 -3.71 -14.02
C PRO A 159 16.36 -2.23 -13.68
N ARG A 160 17.31 -1.59 -14.36
CA ARG A 160 17.54 -0.16 -14.15
C ARG A 160 16.29 0.66 -14.49
N PHE A 161 15.57 0.29 -15.56
CA PHE A 161 14.44 1.08 -16.04
C PHE A 161 13.20 0.20 -16.08
N PRO A 162 12.45 0.08 -14.98
CA PRO A 162 11.24 -0.74 -15.02
C PRO A 162 10.13 -0.06 -15.79
N ASP A 163 9.36 -0.86 -16.50
CA ASP A 163 8.11 -0.44 -17.09
C ASP A 163 6.98 -0.64 -16.08
N LEU A 164 6.11 0.36 -15.98
CA LEU A 164 5.03 0.33 -15.00
C LEU A 164 3.67 0.05 -15.63
N SER A 165 3.65 -0.35 -16.90
CA SER A 165 2.39 -0.56 -17.62
C SER A 165 1.53 -1.65 -16.99
N ASN A 166 2.16 -2.62 -16.30
CA ASN A 166 1.44 -3.69 -15.63
C ASN A 166 1.73 -3.70 -14.14
N ALA A 167 1.96 -2.52 -13.56
CA ALA A 167 2.24 -2.43 -12.14
C ALA A 167 1.06 -2.88 -11.31
N TYR A 168 -0.16 -2.61 -11.76
CA TYR A 168 -1.39 -2.97 -11.06
C TYR A 168 -2.03 -4.13 -11.81
N ASP A 169 -1.85 -5.34 -11.30
CA ASP A 169 -2.26 -6.56 -11.98
C ASP A 169 -3.76 -6.55 -12.32
N ARG A 170 -4.08 -6.82 -13.59
CA ARG A 170 -5.48 -6.77 -14.02
C ARG A 170 -6.29 -7.90 -13.41
N LEU A 171 -5.74 -9.11 -13.37
CA LEU A 171 -6.47 -10.24 -12.83
C LEU A 171 -6.81 -10.03 -11.36
N LEU A 172 -5.91 -9.41 -10.60
CA LEU A 172 -6.21 -9.16 -9.20
C LEU A 172 -7.32 -8.14 -9.04
N GLN A 173 -7.33 -7.09 -9.87
CA GLN A 173 -8.44 -6.14 -9.86
C GLN A 173 -9.75 -6.85 -10.18
N GLN A 174 -9.72 -7.76 -11.17
CA GLN A 174 -10.94 -8.47 -11.54
C GLN A 174 -11.43 -9.37 -10.42
N LEU A 175 -10.51 -10.04 -9.72
CA LEU A 175 -10.90 -10.88 -8.58
C LEU A 175 -11.50 -10.04 -7.45
N ALA A 176 -10.88 -8.90 -7.14
CA ALA A 176 -11.42 -8.03 -6.10
C ALA A 176 -12.84 -7.58 -6.44
N LEU A 177 -13.07 -7.17 -7.69
CA LEU A 177 -14.41 -6.76 -8.09
C LEU A 177 -15.37 -7.93 -8.02
N LYS A 178 -14.95 -9.11 -8.45
CA LYS A 178 -15.83 -10.28 -8.42
C LYS A 178 -16.31 -10.59 -7.02
N ILE A 179 -15.42 -10.50 -6.03
CA ILE A 179 -15.80 -10.77 -4.66
C ILE A 179 -16.76 -9.71 -4.14
N ALA A 180 -16.55 -8.45 -4.55
CA ALA A 180 -17.50 -7.40 -4.16
C ALA A 180 -18.89 -7.68 -4.72
N GLN A 181 -18.96 -8.16 -5.97
CA GLN A 181 -20.24 -8.50 -6.57
C GLN A 181 -20.90 -9.65 -5.83
N GLU A 182 -20.12 -10.66 -5.45
CA GLU A 182 -20.68 -11.81 -4.75
C GLU A 182 -21.29 -11.43 -3.41
N ASN A 183 -20.77 -10.36 -2.79
CA ASN A 183 -21.25 -9.89 -1.49
C ASN A 183 -22.09 -8.63 -1.60
N ASP A 184 -22.51 -8.26 -2.81
CA ASP A 184 -23.47 -7.17 -3.03
C ASP A 184 -22.97 -5.82 -2.51
N PHE A 185 -21.67 -5.57 -2.57
CA PHE A 185 -21.17 -4.22 -2.32
C PHE A 185 -20.43 -3.63 -3.51
N GLN A 186 -20.67 -4.17 -4.71
CA GLN A 186 -20.02 -3.66 -5.91
C GLN A 186 -20.40 -2.23 -6.21
N ASP A 187 -21.55 -1.76 -5.71
CA ASP A 187 -21.93 -0.36 -5.89
C ASP A 187 -20.95 0.60 -5.22
N LEU A 188 -20.15 0.11 -4.27
CA LEU A 188 -19.14 0.93 -3.62
C LEU A 188 -17.81 0.94 -4.37
N VAL A 189 -17.62 0.07 -5.36
CA VAL A 189 -16.31 -0.22 -5.93
C VAL A 189 -16.18 0.47 -7.28
N HIS A 190 -15.13 1.27 -7.42
CA HIS A 190 -14.77 1.94 -8.67
C HIS A 190 -13.36 1.52 -9.04
N GLU A 191 -12.90 1.98 -10.21
CA GLU A 191 -11.49 1.88 -10.58
C GLU A 191 -10.99 3.27 -10.94
N GLY A 192 -9.69 3.47 -10.81
CA GLY A 192 -9.22 4.81 -11.11
C GLY A 192 -7.72 4.96 -11.01
N VAL A 193 -7.27 6.16 -11.39
CA VAL A 193 -5.87 6.54 -11.41
C VAL A 193 -5.53 7.29 -10.13
N TYR A 194 -4.43 6.89 -9.49
CA TYR A 194 -4.00 7.46 -8.21
C TYR A 194 -2.90 8.49 -8.42
N ALA A 195 -3.11 9.71 -7.95
CA ALA A 195 -2.05 10.71 -7.95
C ALA A 195 -1.32 10.64 -6.62
N PHE A 196 0.02 10.55 -6.68
CA PHE A 196 0.85 10.53 -5.49
C PHE A 196 1.28 11.96 -5.19
N ASN A 197 0.71 12.53 -4.11
CA ASN A 197 1.14 13.78 -3.50
C ASN A 197 2.08 13.43 -2.36
N GLY A 198 3.34 13.86 -2.47
CA GLY A 198 4.30 13.55 -1.41
C GLY A 198 3.80 13.91 -0.02
N GLY A 199 3.06 15.00 0.11
CA GLY A 199 2.53 15.38 1.41
C GLY A 199 3.56 16.05 2.31
N PRO A 200 3.24 16.27 3.59
CA PRO A 200 2.07 15.73 4.31
C PRO A 200 0.89 16.69 4.39
N THR A 201 0.97 17.87 3.76
CA THR A 201 -0.23 18.69 3.67
C THR A 201 -1.22 18.02 2.75
N TYR A 202 -2.49 18.04 3.12
CA TYR A 202 -3.52 17.58 2.20
C TYR A 202 -3.45 18.38 0.91
N GLU A 203 -3.92 17.76 -0.15
CA GLU A 203 -4.06 18.46 -1.42
C GLU A 203 -4.81 19.77 -1.21
N SER A 204 -4.25 20.86 -1.75
CA SER A 204 -4.94 22.14 -1.65
C SER A 204 -6.11 22.15 -2.62
N PRO A 205 -7.11 23.01 -2.39
CA PRO A 205 -8.25 23.06 -3.33
C PRO A 205 -7.81 23.26 -4.77
N ASP A 206 -6.79 24.08 -5.00
CA ASP A 206 -6.36 24.31 -6.37
C ASP A 206 -5.51 23.17 -6.91
N GLU A 207 -4.77 22.48 -6.05
CA GLU A 207 -4.13 21.23 -6.48
C GLU A 207 -5.17 20.19 -6.87
N SER A 208 -6.25 20.08 -6.07
CA SER A 208 -7.31 19.13 -6.44
C SER A 208 -7.90 19.49 -7.79
N ASN A 209 -8.16 20.78 -8.04
CA ASN A 209 -8.72 21.18 -9.32
C ASN A 209 -7.77 20.88 -10.47
N MET A 210 -6.47 21.04 -10.26
CA MET A 210 -5.50 20.65 -11.27
C MET A 210 -5.56 19.15 -11.54
N LEU A 211 -5.63 18.35 -10.47
CA LEU A 211 -5.66 16.90 -10.65
C LEU A 211 -6.89 16.46 -11.42
N LEU A 212 -8.02 17.13 -11.20
CA LEU A 212 -9.20 16.86 -12.00
C LEU A 212 -8.91 17.07 -13.49
N LYS A 213 -8.29 18.20 -13.83
CA LYS A 213 -7.98 18.47 -15.23
C LYS A 213 -6.99 17.45 -15.82
N LEU A 214 -6.17 16.84 -14.97
CA LEU A 214 -5.13 15.94 -15.43
C LEU A 214 -5.56 14.47 -15.45
N GLY A 215 -6.86 14.20 -15.29
CA GLY A 215 -7.40 12.86 -15.36
C GLY A 215 -7.43 12.09 -14.04
N CYS A 216 -6.72 12.58 -13.02
CA CYS A 216 -6.58 11.83 -11.79
CA CYS A 216 -6.58 11.83 -11.77
C CYS A 216 -7.93 11.58 -11.13
N ASP A 217 -8.12 10.38 -10.61
CA ASP A 217 -9.35 10.02 -9.93
C ASP A 217 -9.27 10.13 -8.41
N VAL A 218 -8.11 9.84 -7.82
CA VAL A 218 -7.91 9.89 -6.37
C VAL A 218 -6.51 10.46 -6.12
N VAL A 219 -6.30 10.98 -4.92
CA VAL A 219 -4.99 11.51 -4.52
C VAL A 219 -4.66 11.04 -3.11
N GLY A 220 -3.39 10.67 -2.89
CA GLY A 220 -2.98 10.32 -1.55
C GLY A 220 -1.47 10.38 -1.45
N MET A 221 -0.98 10.01 -0.27
CA MET A 221 0.41 10.27 0.12
C MET A 221 1.24 9.01 0.28
N SER A 222 0.82 7.90 -0.32
CA SER A 222 1.52 6.64 -0.07
C SER A 222 1.43 5.79 -1.32
N THR A 223 1.73 4.50 -1.14
CA THR A 223 1.36 3.42 -2.05
C THR A 223 2.27 3.33 -3.29
N VAL A 224 2.38 4.41 -4.05
CA VAL A 224 3.20 4.44 -5.26
C VAL A 224 4.64 4.00 -5.01
N PRO A 225 5.31 4.43 -3.92
CA PRO A 225 6.69 3.94 -3.71
C PRO A 225 6.74 2.43 -3.54
N GLU A 226 5.82 1.87 -2.77
CA GLU A 226 5.81 0.43 -2.55
C GLU A 226 5.48 -0.30 -3.84
N VAL A 227 4.51 0.22 -4.61
CA VAL A 227 4.16 -0.37 -5.89
C VAL A 227 5.37 -0.47 -6.80
N ILE A 228 6.17 0.60 -6.84
CA ILE A 228 7.32 0.63 -7.75
C ILE A 228 8.38 -0.37 -7.30
N ILE A 229 8.66 -0.44 -6.00
CA ILE A 229 9.66 -1.41 -5.53
C ILE A 229 9.18 -2.82 -5.81
N ALA A 230 7.90 -3.10 -5.57
CA ALA A 230 7.34 -4.42 -5.85
C ALA A 230 7.43 -4.74 -7.34
N CYS A 231 7.00 -3.80 -8.19
CA CYS A 231 7.05 -4.02 -9.63
C CYS A 231 8.48 -4.27 -10.11
N HIS A 232 9.43 -3.51 -9.54
CA HIS A 232 10.83 -3.66 -9.92
C HIS A 232 11.33 -5.09 -9.67
N CYS A 233 10.89 -5.71 -8.58
CA CYS A 233 11.36 -7.06 -8.24
C CYS A 233 10.36 -8.16 -8.58
N GLY A 234 9.35 -7.87 -9.41
CA GLY A 234 8.49 -8.91 -9.93
C GLY A 234 7.33 -9.34 -9.04
N ILE A 235 6.98 -8.56 -8.01
CA ILE A 235 5.85 -8.85 -7.15
C ILE A 235 4.62 -8.18 -7.74
N LYS A 236 3.54 -8.95 -7.91
CA LYS A 236 2.29 -8.42 -8.40
C LYS A 236 1.59 -7.64 -7.29
N VAL A 237 0.82 -6.62 -7.67
CA VAL A 237 0.24 -5.70 -6.70
C VAL A 237 -1.26 -5.53 -6.95
N LEU A 238 -2.03 -5.54 -5.87
CA LEU A 238 -3.40 -5.02 -5.84
C LEU A 238 -3.40 -3.88 -4.83
N ALA A 239 -3.84 -2.70 -5.26
CA ALA A 239 -3.88 -1.54 -4.38
C ALA A 239 -5.28 -0.97 -4.41
N VAL A 240 -5.86 -0.73 -3.23
CA VAL A 240 -7.23 -0.27 -3.09
C VAL A 240 -7.24 0.98 -2.21
N SER A 241 -7.84 2.06 -2.71
CA SER A 241 -8.02 3.27 -1.93
C SER A 241 -9.42 3.30 -1.33
N LEU A 242 -9.50 3.65 -0.05
CA LEU A 242 -10.76 4.01 0.58
C LEU A 242 -10.90 5.53 0.50
N ILE A 243 -12.00 6.00 -0.09
CA ILE A 243 -12.19 7.43 -0.30
C ILE A 243 -12.67 8.06 1.00
N ALA A 244 -11.86 8.95 1.57
CA ALA A 244 -12.24 9.61 2.82
C ALA A 244 -13.22 10.75 2.58
N ASN A 245 -13.14 11.40 1.43
CA ASN A 245 -13.88 12.62 1.14
C ASN A 245 -13.72 12.87 -0.34
N ASN A 246 -14.61 13.67 -0.90
CA ASN A 246 -14.41 14.15 -2.26
C ASN A 246 -13.86 15.57 -2.17
N SER A 247 -12.59 15.71 -2.54
CA SER A 247 -11.92 17.00 -2.35
C SER A 247 -12.44 18.07 -3.29
N ILE A 248 -12.93 17.68 -4.47
CA ILE A 248 -13.48 18.67 -5.39
C ILE A 248 -14.78 19.23 -4.82
N LEU A 249 -15.65 18.35 -4.35
CA LEU A 249 -16.89 18.78 -3.72
C LEU A 249 -16.61 19.61 -2.48
N ASP A 250 -15.63 19.19 -1.66
CA ASP A 250 -15.34 19.93 -0.45
C ASP A 250 -14.84 21.33 -0.77
N ALA A 251 -14.01 21.47 -1.81
CA ALA A 251 -13.56 22.80 -2.22
C ALA A 251 -14.73 23.65 -2.70
N GLU A 252 -15.68 23.05 -3.41
CA GLU A 252 -16.85 23.79 -3.87
C GLU A 252 -17.71 24.27 -2.70
N ASN A 253 -17.65 23.57 -1.57
CA ASN A 253 -18.49 23.87 -0.41
C ASN A 253 -17.69 24.43 0.76
N ASP A 254 -16.42 24.79 0.56
CA ASP A 254 -15.59 25.34 1.63
C ASP A 254 -15.56 24.42 2.86
N VAL A 255 -15.41 23.12 2.64
CA VAL A 255 -15.37 22.12 3.70
C VAL A 255 -13.93 21.64 3.86
N SER A 256 -13.47 21.58 5.10
CA SER A 256 -12.08 21.23 5.38
C SER A 256 -11.86 19.73 5.27
N ILE A 257 -10.61 19.36 5.00
CA ILE A 257 -10.14 17.97 5.05
C ILE A 257 -9.42 17.79 6.39
N ASN A 258 -9.63 16.65 7.04
CA ASN A 258 -9.17 16.51 8.42
C ASN A 258 -8.86 15.04 8.71
N HIS A 259 -7.73 14.79 9.38
CA HIS A 259 -7.32 13.41 9.63
C HIS A 259 -8.32 12.68 10.53
N GLU A 260 -8.94 13.39 11.48
CA GLU A 260 -9.95 12.75 12.33
C GLU A 260 -11.15 12.31 11.49
N LYS A 261 -11.58 13.15 10.55
CA LYS A 261 -12.67 12.75 9.66
C LYS A 261 -12.24 11.59 8.77
N VAL A 262 -10.99 11.61 8.31
CA VAL A 262 -10.47 10.50 7.50
C VAL A 262 -10.54 9.21 8.30
N LEU A 263 -10.04 9.23 9.54
CA LEU A 263 -10.01 8.02 10.35
C LEU A 263 -11.42 7.53 10.67
N ALA A 264 -12.40 8.43 10.77
CA ALA A 264 -13.78 8.00 11.02
C ALA A 264 -14.33 7.25 9.82
N VAL A 265 -13.96 7.64 8.61
CA VAL A 265 -14.36 6.87 7.43
C VAL A 265 -13.69 5.50 7.45
N ALA A 266 -12.40 5.45 7.79
CA ALA A 266 -11.71 4.17 7.92
C ALA A 266 -12.43 3.26 8.91
N GLU A 267 -12.84 3.79 10.05
CA GLU A 267 -13.55 2.97 11.04
C GLU A 267 -14.88 2.48 10.48
N LYS A 268 -15.56 3.29 9.68
CA LYS A 268 -16.85 2.91 9.12
C LYS A 268 -16.74 1.75 8.14
N ARG A 269 -15.62 1.67 7.40
CA ARG A 269 -15.44 0.65 6.37
C ARG A 269 -14.46 -0.44 6.75
N ALA A 270 -13.84 -0.35 7.94
CA ALA A 270 -12.75 -1.25 8.29
C ALA A 270 -13.17 -2.72 8.26
N ASP A 271 -14.34 -3.03 8.80
CA ASP A 271 -14.74 -4.43 8.90
C ASP A 271 -15.07 -5.01 7.53
N LEU A 272 -15.73 -4.22 6.67
CA LEU A 272 -16.01 -4.68 5.32
C LEU A 272 -14.73 -4.90 4.55
N LEU A 273 -13.76 -3.99 4.68
CA LEU A 273 -12.50 -4.14 3.98
C LEU A 273 -11.73 -5.36 4.47
N GLN A 274 -11.78 -5.63 5.78
CA GLN A 274 -11.12 -6.83 6.29
C GLN A 274 -11.73 -8.09 5.70
N MET A 275 -13.06 -8.17 5.69
CA MET A 275 -13.73 -9.32 5.11
C MET A 275 -13.37 -9.47 3.63
N TRP A 276 -13.34 -8.35 2.90
CA TRP A 276 -13.05 -8.39 1.48
C TRP A 276 -11.65 -8.93 1.24
N PHE A 277 -10.66 -8.38 1.96
CA PHE A 277 -9.27 -8.78 1.74
C PHE A 277 -9.02 -10.20 2.22
N LYS A 278 -9.69 -10.63 3.30
CA LYS A 278 -9.57 -12.04 3.69
C LYS A 278 -10.04 -12.95 2.57
N GLU A 279 -11.16 -12.62 1.93
CA GLU A 279 -11.67 -13.45 0.84
C GLU A 279 -10.75 -13.37 -0.38
N ILE A 280 -10.22 -12.19 -0.68
CA ILE A 280 -9.23 -12.08 -1.77
C ILE A 280 -8.07 -13.03 -1.51
N ILE A 281 -7.55 -13.02 -0.28
CA ILE A 281 -6.44 -13.90 0.07
C ILE A 281 -6.79 -15.37 -0.15
N THR A 282 -7.96 -15.80 0.35
CA THR A 282 -8.36 -17.20 0.18
C THR A 282 -8.53 -17.57 -1.29
N ARG A 283 -8.88 -16.59 -2.14
CA ARG A 283 -9.21 -16.87 -3.53
C ARG A 283 -8.01 -16.68 -4.47
N LEU A 284 -6.90 -16.14 -3.98
CA LEU A 284 -5.72 -15.96 -4.82
C LEU A 284 -5.28 -17.29 -5.42
N PRO A 285 -4.75 -17.28 -6.64
CA PRO A 285 -4.24 -18.53 -7.23
C PRO A 285 -3.05 -19.06 -6.44
N LEU A 286 -2.90 -20.38 -6.46
CA LEU A 286 -1.79 -21.02 -5.77
C LEU A 286 -0.46 -20.78 -6.47
N ASP A 287 -0.49 -20.37 -7.74
CA ASP A 287 0.74 -20.08 -8.48
C ASP A 287 0.98 -18.59 -8.59
N3 CYT B . -6.01 13.10 1.03
C4 CYT B . -7.24 12.94 1.53
N1 CYT B . -5.31 11.16 2.22
C2 CYT B . -5.02 12.23 1.37
O2 CYT B . -3.86 12.39 0.97
N4 CYT B . -8.17 13.82 1.17
C5 CYT B . -7.56 11.84 2.39
C6 CYT B . -6.57 11.00 2.72
C1 EDO C . -2.31 6.54 2.89
O1 EDO C . -1.30 7.55 2.87
C2 EDO C . -2.19 5.67 4.13
O2 EDO C . -3.51 5.25 4.50
C1 EDO D . 16.61 -9.55 -11.28
O1 EDO D . 17.60 -10.58 -11.43
C2 EDO D . 15.27 -10.03 -11.84
O2 EDO D . 14.71 -9.00 -12.66
C1 EDO E . 15.63 -11.14 -5.79
O1 EDO E . 14.74 -10.57 -6.76
C2 EDO E . 15.72 -12.65 -5.97
O2 EDO E . 14.55 -13.28 -5.44
#